data_9IUI
#
_entry.id   9IUI
#
_cell.length_a   66.429
_cell.length_b   74.987
_cell.length_c   136.567
_cell.angle_alpha   90.00
_cell.angle_beta   90.00
_cell.angle_gamma   90.00
#
_symmetry.space_group_name_H-M   'P 21 21 21'
#
loop_
_entity.id
_entity.type
_entity.pdbx_description
1 polymer 'Disks large homolog 4'
2 polymer 'FingR targeting PSD-95'
3 non-polymer GLYCEROL
4 non-polymer 'TETRAETHYLENE GLYCOL'
5 non-polymer DI(HYDROXYETHYL)ETHER
6 water water
#
loop_
_entity_poly.entity_id
_entity_poly.type
_entity_poly.pdbx_seq_one_letter_code
_entity_poly.pdbx_strand_id
1 'polypeptide(L)'
;GPGSEFVHYARPIIILGPTKDRANDDLLSEFPDKFGSCVPHTTRPKREYEIDGRDYHFVSSREKMEKDIQAHKFIEAGQY
NSHLYGTSVQSVREVAEQGKHCILDVSANAVRRLQAAHLHPIAIFIRPRSLENVLEINKRITEEQARKAFDRATKLEQEF
TECFSAIVEGDSFEEIYHKVKRVIEDLSG
;
A,C
2 'polypeptide(L)'
;GPGSEFMLEVKEASPTSIQISWVLHLRHVRYYRITYGETGGNSPVQEFTVPGSKSTATISGLKPGVDYTITVYAVTIFSA
YRSAWPPISINYRTGS
;
B,D
#
loop_
_chem_comp.id
_chem_comp.type
_chem_comp.name
_chem_comp.formula
GOL non-polymer GLYCEROL 'C3 H8 O3'
PEG non-polymer DI(HYDROXYETHYL)ETHER 'C4 H10 O3'
PG4 non-polymer 'TETRAETHYLENE GLYCOL' 'C8 H18 O5'
#
# COMPACT_ATOMS: atom_id res chain seq x y z
N TYR A 9 -28.68 -4.42 -3.32
CA TYR A 9 -27.29 -4.39 -2.86
C TYR A 9 -27.15 -4.97 -1.46
N ALA A 10 -26.18 -5.87 -1.30
CA ALA A 10 -25.93 -6.54 -0.03
C ALA A 10 -24.62 -6.04 0.55
N ARG A 11 -24.65 -5.64 1.82
CA ARG A 11 -23.43 -5.15 2.46
C ARG A 11 -22.45 -6.31 2.67
N PRO A 12 -21.16 -6.10 2.37
CA PRO A 12 -20.15 -7.13 2.67
C PRO A 12 -19.91 -7.20 4.17
N ILE A 13 -19.34 -8.32 4.60
CA ILE A 13 -19.25 -8.68 6.02
C ILE A 13 -17.79 -8.90 6.38
N ILE A 14 -17.36 -8.29 7.49
CA ILE A 14 -16.08 -8.61 8.13
C ILE A 14 -16.38 -8.96 9.56
N ILE A 15 -16.18 -10.22 9.92
CA ILE A 15 -16.28 -10.65 11.31
C ILE A 15 -14.87 -10.79 11.86
N LEU A 16 -14.65 -10.21 13.04
CA LEU A 16 -13.35 -10.23 13.69
C LEU A 16 -13.51 -10.70 15.13
N GLY A 17 -12.41 -11.20 15.70
CA GLY A 17 -12.41 -11.70 17.05
C GLY A 17 -12.36 -13.21 17.14
N PRO A 18 -12.37 -13.74 18.36
CA PRO A 18 -12.37 -15.19 18.55
C PRO A 18 -13.54 -15.84 17.84
N THR A 19 -13.28 -17.00 17.24
CA THR A 19 -14.24 -17.85 16.52
C THR A 19 -14.75 -17.25 15.21
N LYS A 20 -14.11 -16.21 14.68
CA LYS A 20 -14.62 -15.58 13.46
C LYS A 20 -14.55 -16.54 12.27
N ASP A 21 -13.54 -17.42 12.24
CA ASP A 21 -13.42 -18.38 11.14
C ASP A 21 -14.60 -19.35 11.14
N ARG A 22 -15.03 -19.80 12.31
CA ARG A 22 -16.18 -20.68 12.38
C ARG A 22 -17.45 -19.95 11.99
N ALA A 23 -17.58 -18.68 12.39
CA ALA A 23 -18.76 -17.90 12.03
C ALA A 23 -18.83 -17.68 10.53
N ASN A 24 -17.71 -17.28 9.92
CA ASN A 24 -17.66 -17.12 8.47
C ASN A 24 -18.09 -18.41 7.77
N ASP A 25 -17.56 -19.54 8.23
CA ASP A 25 -17.81 -20.81 7.58
C ASP A 25 -19.28 -21.20 7.69
N ASP A 26 -19.88 -21.03 8.87
CA ASP A 26 -21.26 -21.47 9.06
C ASP A 26 -22.26 -20.55 8.39
N LEU A 27 -21.96 -19.25 8.29
CA LEU A 27 -22.85 -18.35 7.58
C LEU A 27 -23.03 -18.80 6.13
N LEU A 28 -21.93 -19.13 5.46
CA LEU A 28 -22.01 -19.52 4.04
C LEU A 28 -22.74 -20.85 3.88
N SER A 29 -22.48 -21.80 4.76
CA SER A 29 -23.12 -23.11 4.64
C SER A 29 -24.62 -23.02 4.88
N GLU A 30 -25.02 -22.15 5.81
CA GLU A 30 -26.39 -22.13 6.30
C GLU A 30 -27.29 -21.21 5.47
N PHE A 31 -26.72 -20.20 4.81
CA PHE A 31 -27.48 -19.25 3.99
C PHE A 31 -26.75 -18.98 2.68
N PRO A 32 -26.54 -20.02 1.85
CA PRO A 32 -25.74 -19.84 0.64
C PRO A 32 -26.36 -18.88 -0.38
N ASP A 33 -27.64 -18.56 -0.25
CA ASP A 33 -28.25 -17.59 -1.16
C ASP A 33 -28.03 -16.15 -0.71
N LYS A 34 -27.68 -15.92 0.56
CA LYS A 34 -27.48 -14.58 1.09
C LYS A 34 -26.03 -14.18 1.26
N PHE A 35 -25.11 -15.14 1.22
CA PHE A 35 -23.70 -14.90 1.45
C PHE A 35 -22.87 -15.50 0.32
N GLY A 36 -21.71 -14.89 0.08
CA GLY A 36 -20.79 -15.39 -0.93
C GLY A 36 -19.37 -15.00 -0.56
N SER A 37 -18.44 -15.39 -1.43
CA SER A 37 -17.04 -15.00 -1.29
C SER A 37 -16.55 -14.45 -2.63
N CYS A 38 -15.55 -13.57 -2.57
CA CYS A 38 -15.00 -13.00 -3.79
C CYS A 38 -13.68 -13.69 -4.16
N VAL A 39 -13.24 -13.43 -5.38
CA VAL A 39 -12.07 -14.07 -5.97
C VAL A 39 -10.89 -13.10 -5.85
N PRO A 40 -9.83 -13.46 -5.13
CA PRO A 40 -8.72 -12.52 -4.94
C PRO A 40 -7.77 -12.53 -6.13
N HIS A 41 -6.80 -11.62 -6.10
CA HIS A 41 -5.77 -11.55 -7.13
C HIS A 41 -4.44 -12.06 -6.60
N THR A 42 -3.64 -12.67 -7.49
CA THR A 42 -2.27 -13.02 -7.18
C THR A 42 -1.41 -12.91 -8.44
N THR A 43 -0.12 -12.62 -8.23
CA THR A 43 0.87 -12.64 -9.30
C THR A 43 1.65 -13.94 -9.35
N ARG A 44 1.48 -14.81 -8.36
CA ARG A 44 2.11 -16.10 -8.37
C ARG A 44 1.55 -16.94 -9.53
N PRO A 45 2.36 -17.77 -10.17
CA PRO A 45 1.83 -18.63 -11.23
C PRO A 45 0.84 -19.63 -10.67
N LYS A 46 -0.14 -19.97 -11.49
CA LYS A 46 -1.19 -20.89 -11.08
C LYS A 46 -0.64 -22.30 -10.85
N ARG A 47 -1.19 -22.98 -9.85
CA ARG A 47 -0.91 -24.39 -9.63
C ARG A 47 -1.77 -25.23 -10.57
N GLU A 48 -1.32 -26.47 -10.81
CA GLU A 48 -2.00 -27.31 -11.81
C GLU A 48 -3.48 -27.51 -11.47
N TYR A 49 -3.79 -27.66 -10.19
CA TYR A 49 -5.18 -27.90 -9.78
C TYR A 49 -6.05 -26.63 -9.76
N GLU A 50 -5.44 -25.45 -9.81
CA GLU A 50 -6.18 -24.20 -9.69
C GLU A 50 -6.81 -23.79 -11.02
N ILE A 51 -7.91 -23.05 -10.92
CA ILE A 51 -8.67 -22.55 -12.08
C ILE A 51 -8.71 -21.03 -12.04
N ASP A 52 -8.22 -20.40 -13.11
CA ASP A 52 -8.30 -18.96 -13.26
C ASP A 52 -9.75 -18.49 -13.21
N GLY A 53 -10.02 -17.45 -12.40
CA GLY A 53 -11.36 -16.96 -12.23
C GLY A 53 -12.15 -17.60 -11.12
N ARG A 54 -11.65 -18.70 -10.56
CA ARG A 54 -12.30 -19.37 -9.43
C ARG A 54 -11.42 -19.30 -8.18
N ASP A 55 -10.23 -19.90 -8.23
CA ASP A 55 -9.32 -19.82 -7.09
C ASP A 55 -8.75 -18.41 -6.94
N TYR A 56 -8.18 -17.87 -8.02
CA TYR A 56 -7.65 -16.52 -8.02
C TYR A 56 -7.85 -15.93 -9.41
N HIS A 57 -7.70 -14.62 -9.50
CA HIS A 57 -7.39 -13.96 -10.77
C HIS A 57 -5.87 -13.93 -10.88
N PHE A 58 -5.33 -14.77 -11.76
CA PHE A 58 -3.88 -14.90 -11.88
C PHE A 58 -3.36 -13.80 -12.80
N VAL A 59 -2.69 -12.82 -12.22
CA VAL A 59 -2.21 -11.64 -12.93
C VAL A 59 -0.86 -11.98 -13.56
N SER A 60 -0.73 -11.72 -14.86
CA SER A 60 0.51 -12.07 -15.57
C SER A 60 1.61 -11.06 -15.28
N SER A 61 1.29 -9.77 -15.31
CA SER A 61 2.28 -8.71 -15.12
C SER A 61 2.24 -8.27 -13.66
N ARG A 62 3.30 -8.59 -12.92
CA ARG A 62 3.45 -8.03 -11.57
C ARG A 62 3.32 -6.52 -11.60
N GLU A 63 3.88 -5.89 -12.63
CA GLU A 63 3.79 -4.44 -12.77
C GLU A 63 2.34 -3.98 -12.85
N LYS A 64 1.46 -4.78 -13.47
CA LYS A 64 0.05 -4.41 -13.55
C LYS A 64 -0.60 -4.40 -12.16
N MET A 65 -0.39 -5.45 -11.37
CA MET A 65 -0.93 -5.47 -10.01
C MET A 65 -0.38 -4.35 -9.15
N GLU A 66 0.88 -3.99 -9.35
CA GLU A 66 1.49 -2.94 -8.54
C GLU A 66 0.84 -1.59 -8.81
N LYS A 67 0.58 -1.27 -10.09
CA LYS A 67 -0.13 -0.04 -10.41
C LYS A 67 -1.52 -0.02 -9.78
N ASP A 68 -2.23 -1.15 -9.86
CA ASP A 68 -3.57 -1.22 -9.28
C ASP A 68 -3.52 -1.00 -7.76
N ILE A 69 -2.51 -1.58 -7.10
CA ILE A 69 -2.37 -1.37 -5.66
C ILE A 69 -2.15 0.11 -5.35
N GLN A 70 -1.25 0.74 -6.11
CA GLN A 70 -0.99 2.16 -5.88
C GLN A 70 -2.19 3.01 -6.22
N ALA A 71 -3.06 2.53 -7.11
CA ALA A 71 -4.29 3.20 -7.48
C ALA A 71 -5.44 2.91 -6.52
N HIS A 72 -5.17 2.24 -5.40
CA HIS A 72 -6.17 1.97 -4.37
C HIS A 72 -7.27 1.04 -4.86
N LYS A 73 -6.95 0.14 -5.79
CA LYS A 73 -7.93 -0.82 -6.29
C LYS A 73 -8.15 -2.01 -5.37
N PHE A 74 -7.33 -2.17 -4.33
CA PHE A 74 -7.43 -3.30 -3.43
C PHE A 74 -7.78 -2.81 -2.02
N ILE A 75 -8.73 -3.51 -1.38
CA ILE A 75 -9.06 -3.24 0.01
C ILE A 75 -8.02 -3.83 0.96
N GLU A 76 -7.17 -4.74 0.46
CA GLU A 76 -6.09 -5.36 1.21
C GLU A 76 -5.12 -6.03 0.25
N ALA A 77 -3.81 -5.80 0.44
CA ALA A 77 -2.84 -6.44 -0.44
C ALA A 77 -1.52 -6.54 0.30
N GLY A 78 -0.73 -7.53 -0.08
CA GLY A 78 0.58 -7.71 0.52
C GLY A 78 1.43 -8.61 -0.35
N GLN A 79 2.68 -8.76 0.06
CA GLN A 79 3.63 -9.64 -0.60
C GLN A 79 3.92 -10.84 0.30
N TYR A 80 3.81 -12.05 -0.27
CA TYR A 80 4.11 -13.26 0.49
C TYR A 80 4.83 -14.23 -0.43
N ASN A 81 6.03 -14.63 -0.03
CA ASN A 81 6.86 -15.56 -0.81
C ASN A 81 7.20 -14.99 -2.19
N SER A 82 7.47 -13.68 -2.23
CA SER A 82 7.87 -12.95 -3.43
C SER A 82 6.73 -12.75 -4.42
N HIS A 83 5.49 -12.98 -4.02
CA HIS A 83 4.34 -12.81 -4.90
C HIS A 83 3.31 -11.91 -4.23
N LEU A 84 2.55 -11.20 -5.05
CA LEU A 84 1.56 -10.25 -4.57
C LEU A 84 0.19 -10.92 -4.50
N TYR A 85 -0.56 -10.59 -3.44
CA TYR A 85 -1.91 -11.11 -3.21
C TYR A 85 -2.79 -9.96 -2.74
N GLY A 86 -4.00 -9.87 -3.27
CA GLY A 86 -4.91 -8.82 -2.84
C GLY A 86 -6.35 -9.20 -3.03
N THR A 87 -7.21 -8.60 -2.21
CA THR A 87 -8.65 -8.64 -2.42
C THR A 87 -9.08 -7.32 -3.02
N SER A 88 -9.70 -7.36 -4.20
CA SER A 88 -9.92 -6.16 -4.98
C SER A 88 -11.28 -5.53 -4.70
N VAL A 89 -11.35 -4.22 -4.90
CA VAL A 89 -12.59 -3.49 -4.72
C VAL A 89 -13.66 -4.04 -5.65
N GLN A 90 -13.30 -4.21 -6.92
CA GLN A 90 -14.24 -4.70 -7.92
C GLN A 90 -14.73 -6.10 -7.60
N SER A 91 -13.83 -6.98 -7.13
CA SER A 91 -14.26 -8.35 -6.83
C SER A 91 -15.29 -8.38 -5.72
N VAL A 92 -15.12 -7.54 -4.69
CA VAL A 92 -16.14 -7.44 -3.65
C VAL A 92 -17.43 -6.85 -4.22
N ARG A 93 -17.31 -5.75 -4.96
CA ARG A 93 -18.48 -5.10 -5.54
C ARG A 93 -19.27 -6.08 -6.41
N GLU A 94 -18.58 -6.98 -7.11
CA GLU A 94 -19.27 -7.94 -7.97
C GLU A 94 -20.15 -8.90 -7.16
N VAL A 95 -19.67 -9.31 -5.98
CA VAL A 95 -20.46 -10.20 -5.12
C VAL A 95 -21.66 -9.47 -4.54
N ALA A 96 -21.42 -8.26 -4.00
CA ALA A 96 -22.49 -7.49 -3.39
C ALA A 96 -23.59 -7.16 -4.39
N GLU A 97 -23.22 -6.87 -5.64
CA GLU A 97 -24.23 -6.54 -6.64
C GLU A 97 -25.02 -7.74 -7.10
N GLN A 98 -24.64 -8.95 -6.67
CA GLN A 98 -25.52 -10.11 -6.81
C GLN A 98 -26.49 -10.25 -5.64
N GLY A 99 -26.50 -9.28 -4.73
CA GLY A 99 -27.31 -9.39 -3.53
C GLY A 99 -26.80 -10.40 -2.52
N LYS A 100 -25.51 -10.71 -2.51
CA LYS A 100 -24.91 -11.61 -1.52
C LYS A 100 -23.95 -10.85 -0.63
N HIS A 101 -24.06 -11.07 0.68
CA HIS A 101 -23.07 -10.56 1.63
C HIS A 101 -21.71 -11.20 1.35
N CYS A 102 -20.73 -10.39 0.96
CA CYS A 102 -19.38 -10.89 0.75
C CYS A 102 -18.69 -11.10 2.10
N ILE A 103 -18.44 -12.36 2.42
CA ILE A 103 -17.74 -12.74 3.66
C ILE A 103 -16.24 -12.56 3.43
N LEU A 104 -15.62 -11.68 4.21
CA LEU A 104 -14.22 -11.34 3.99
C LEU A 104 -13.39 -11.73 5.19
N ASP A 105 -12.25 -12.37 4.92
CA ASP A 105 -11.22 -12.62 5.94
C ASP A 105 -10.10 -11.62 5.67
N VAL A 106 -10.23 -10.43 6.26
CA VAL A 106 -9.30 -9.33 6.02
C VAL A 106 -8.99 -8.65 7.34
N SER A 107 -7.95 -7.83 7.33
CA SER A 107 -7.57 -7.03 8.49
C SER A 107 -8.61 -5.96 8.78
N ALA A 108 -8.64 -5.52 10.05
CA ALA A 108 -9.54 -4.43 10.43
C ALA A 108 -9.25 -3.17 9.63
N ASN A 109 -8.00 -2.99 9.19
CA ASN A 109 -7.66 -1.83 8.38
C ASN A 109 -8.47 -1.78 7.08
N ALA A 110 -8.96 -2.93 6.60
CA ALA A 110 -9.71 -2.95 5.36
C ALA A 110 -11.08 -2.28 5.49
N VAL A 111 -11.62 -2.18 6.70
CA VAL A 111 -12.95 -1.60 6.88
C VAL A 111 -12.98 -0.18 6.35
N ARG A 112 -11.98 0.62 6.71
CA ARG A 112 -11.89 1.99 6.19
C ARG A 112 -11.83 1.99 4.67
N ARG A 113 -11.04 1.08 4.09
CA ARG A 113 -10.89 1.04 2.64
C ARG A 113 -12.20 0.69 1.96
N LEU A 114 -12.98 -0.22 2.57
CA LEU A 114 -14.30 -0.51 2.02
C LEU A 114 -15.21 0.70 2.09
N GLN A 115 -15.18 1.44 3.20
CA GLN A 115 -16.05 2.62 3.30
C GLN A 115 -15.66 3.66 2.26
N ALA A 116 -14.36 3.81 1.97
CA ALA A 116 -13.93 4.78 0.96
C ALA A 116 -14.38 4.36 -0.43
N ALA A 117 -14.54 3.05 -0.68
CA ALA A 117 -15.06 2.59 -1.96
C ALA A 117 -16.58 2.66 -2.04
N HIS A 118 -17.23 3.27 -1.04
CA HIS A 118 -18.68 3.33 -0.95
C HIS A 118 -19.30 1.94 -1.00
N LEU A 119 -18.68 1.01 -0.28
CA LEU A 119 -19.17 -0.36 -0.21
C LEU A 119 -19.94 -0.64 1.07
N HIS A 120 -19.94 0.30 2.01
CA HIS A 120 -20.79 0.27 3.20
C HIS A 120 -20.72 -1.06 3.96
N PRO A 121 -19.54 -1.44 4.44
CA PRO A 121 -19.41 -2.76 5.09
C PRO A 121 -20.14 -2.86 6.42
N ILE A 122 -20.48 -4.10 6.77
CA ILE A 122 -20.84 -4.49 8.13
C ILE A 122 -19.61 -5.12 8.76
N ALA A 123 -19.19 -4.61 9.90
CA ALA A 123 -18.07 -5.18 10.65
C ALA A 123 -18.54 -5.55 12.03
N ILE A 124 -18.31 -6.80 12.43
CA ILE A 124 -18.77 -7.30 13.72
C ILE A 124 -17.58 -7.86 14.48
N PHE A 125 -17.41 -7.39 15.72
CA PHE A 125 -16.35 -7.82 16.62
C PHE A 125 -16.95 -8.75 17.68
N ILE A 126 -16.41 -9.96 17.76
CA ILE A 126 -16.76 -10.91 18.81
C ILE A 126 -15.83 -10.64 19.99
N ARG A 127 -16.39 -10.17 21.12
CA ARG A 127 -15.57 -9.79 22.27
C ARG A 127 -15.60 -10.90 23.31
N PRO A 128 -14.45 -11.47 23.68
CA PRO A 128 -14.46 -12.42 24.80
C PRO A 128 -14.59 -11.65 26.10
N ARG A 129 -15.40 -12.19 27.02
CA ARG A 129 -15.63 -11.53 28.30
C ARG A 129 -14.44 -11.67 29.23
N SER A 130 -13.64 -12.73 29.05
CA SER A 130 -12.55 -13.07 29.97
C SER A 130 -11.74 -14.16 29.30
N LEU A 131 -10.63 -14.54 29.94
CA LEU A 131 -9.86 -15.68 29.44
C LEU A 131 -10.68 -16.95 29.51
N GLU A 132 -11.34 -17.17 30.64
CA GLU A 132 -12.26 -18.30 30.78
C GLU A 132 -13.34 -18.29 29.69
N ASN A 133 -13.86 -17.11 29.36
CA ASN A 133 -14.91 -17.03 28.35
C ASN A 133 -14.40 -17.50 26.99
N VAL A 134 -13.14 -17.19 26.65
CA VAL A 134 -12.55 -17.71 25.41
C VAL A 134 -12.71 -19.23 25.35
N LEU A 135 -12.40 -19.92 26.44
CA LEU A 135 -12.55 -21.36 26.49
C LEU A 135 -14.00 -21.80 26.51
N GLU A 136 -14.93 -20.92 26.90
CA GLU A 136 -16.34 -21.26 26.78
C GLU A 136 -16.80 -21.24 25.33
N ILE A 137 -16.37 -20.25 24.56
CA ILE A 137 -16.87 -20.09 23.19
C ILE A 137 -16.02 -20.82 22.14
N ASN A 138 -14.78 -21.18 22.47
CA ASN A 138 -13.93 -21.97 21.58
C ASN A 138 -13.44 -23.17 22.37
N LYS A 139 -14.10 -24.31 22.17
CA LYS A 139 -13.76 -25.53 22.88
C LYS A 139 -12.76 -26.40 22.11
N ARG A 140 -12.03 -25.82 21.16
CA ARG A 140 -11.08 -26.56 20.35
C ARG A 140 -9.64 -26.12 20.59
N ILE A 141 -9.37 -25.24 21.56
CA ILE A 141 -8.02 -24.73 21.75
C ILE A 141 -7.56 -24.98 23.19
N THR A 142 -6.25 -24.93 23.36
CA THR A 142 -5.64 -25.05 24.67
C THR A 142 -5.79 -23.74 25.44
N GLU A 143 -5.49 -23.80 26.73
CA GLU A 143 -5.48 -22.56 27.51
C GLU A 143 -4.38 -21.64 27.02
N GLU A 144 -3.23 -22.20 26.65
CA GLU A 144 -2.13 -21.42 26.10
C GLU A 144 -2.58 -20.65 24.86
N GLN A 145 -3.35 -21.29 23.98
CA GLN A 145 -3.83 -20.60 22.78
C GLN A 145 -4.92 -19.58 23.14
N ALA A 146 -5.77 -19.92 24.12
CA ALA A 146 -6.83 -19.02 24.53
C ALA A 146 -6.29 -17.68 25.00
N ARG A 147 -5.14 -17.69 25.71
CA ARG A 147 -4.58 -16.43 26.20
C ARG A 147 -4.04 -15.59 25.05
N LYS A 148 -3.42 -16.22 24.05
CA LYS A 148 -3.03 -15.50 22.84
C LYS A 148 -4.25 -14.86 22.17
N ALA A 149 -5.33 -15.62 22.01
CA ALA A 149 -6.52 -15.08 21.38
C ALA A 149 -7.12 -13.97 22.23
N PHE A 150 -7.09 -14.14 23.55
CA PHE A 150 -7.58 -13.11 24.46
C PHE A 150 -6.75 -11.83 24.33
N ASP A 151 -5.43 -11.97 24.37
CA ASP A 151 -4.56 -10.81 24.18
C ASP A 151 -4.83 -10.10 22.85
N ARG A 152 -4.94 -10.87 21.76
CA ARG A 152 -5.14 -10.25 20.46
C ARG A 152 -6.48 -9.52 20.39
N ALA A 153 -7.54 -10.14 20.92
CA ALA A 153 -8.85 -9.50 20.90
C ALA A 153 -8.83 -8.18 21.66
N THR A 154 -8.18 -8.17 22.82
CA THR A 154 -8.04 -6.96 23.63
C THR A 154 -7.43 -5.84 22.80
N LYS A 155 -6.32 -6.13 22.12
CA LYS A 155 -5.63 -5.13 21.34
C LYS A 155 -6.44 -4.73 20.10
N LEU A 156 -7.18 -5.67 19.52
CA LEU A 156 -8.06 -5.35 18.41
C LEU A 156 -9.11 -4.33 18.82
N GLU A 157 -9.79 -4.58 19.95
CA GLU A 157 -10.81 -3.65 20.42
C GLU A 157 -10.23 -2.27 20.69
N GLN A 158 -9.03 -2.21 21.25
CA GLN A 158 -8.47 -0.91 21.62
C GLN A 158 -8.17 -0.06 20.40
N GLU A 159 -7.80 -0.68 19.27
CA GLU A 159 -7.41 0.07 18.09
C GLU A 159 -8.56 0.32 17.11
N PHE A 160 -9.59 -0.54 17.08
CA PHE A 160 -10.53 -0.50 15.97
C PHE A 160 -12.00 -0.43 16.39
N THR A 161 -12.31 0.08 17.58
CA THR A 161 -13.71 0.10 18.00
C THR A 161 -14.57 0.92 17.04
N GLU A 162 -14.07 2.07 16.58
CA GLU A 162 -14.88 2.92 15.71
C GLU A 162 -15.22 2.24 14.38
N CYS A 163 -14.44 1.26 13.95
CA CYS A 163 -14.79 0.60 12.70
CA CYS A 163 -14.74 0.53 12.72
C CYS A 163 -15.88 -0.46 12.88
N PHE A 164 -16.18 -0.87 14.11
CA PHE A 164 -17.15 -1.95 14.34
C PHE A 164 -18.58 -1.44 14.21
N SER A 165 -19.39 -2.12 13.38
CA SER A 165 -20.82 -1.87 13.38
C SER A 165 -21.45 -2.34 14.68
N ALA A 166 -20.98 -3.47 15.21
CA ALA A 166 -21.54 -4.06 16.41
C ALA A 166 -20.45 -4.83 17.16
N ILE A 167 -20.62 -4.96 18.46
CA ILE A 167 -19.81 -5.84 19.29
C ILE A 167 -20.76 -6.84 19.93
N VAL A 168 -20.43 -8.12 19.83
CA VAL A 168 -21.31 -9.16 20.34
C VAL A 168 -20.54 -10.02 21.33
N GLU A 169 -21.26 -10.54 22.33
CA GLU A 169 -20.69 -11.35 23.38
C GLU A 169 -21.57 -12.56 23.59
N GLY A 170 -21.05 -13.56 24.30
CA GLY A 170 -21.84 -14.72 24.65
C GLY A 170 -21.03 -15.65 25.54
N ASP A 171 -21.77 -16.51 26.25
CA ASP A 171 -21.17 -17.57 27.06
C ASP A 171 -20.98 -18.86 26.29
N SER A 172 -21.24 -18.86 24.99
CA SER A 172 -21.13 -20.02 24.13
C SER A 172 -21.10 -19.54 22.69
N PHE A 173 -20.52 -20.36 21.81
CA PHE A 173 -20.49 -19.96 20.40
C PHE A 173 -21.88 -19.89 19.80
N GLU A 174 -22.81 -20.72 20.28
CA GLU A 174 -24.17 -20.66 19.76
C GLU A 174 -24.79 -19.28 20.02
N GLU A 175 -24.51 -18.70 21.20
CA GLU A 175 -25.06 -17.38 21.52
C GLU A 175 -24.38 -16.30 20.67
N ILE A 176 -23.07 -16.41 20.47
CA ILE A 176 -22.36 -15.51 19.57
C ILE A 176 -22.99 -15.56 18.18
N TYR A 177 -23.15 -16.78 17.66
CA TYR A 177 -23.59 -16.94 16.27
C TYR A 177 -25.00 -16.41 16.09
N HIS A 178 -25.88 -16.68 17.07
CA HIS A 178 -27.24 -16.17 17.00
C HIS A 178 -27.23 -14.65 16.92
N LYS A 179 -26.37 -14.00 17.72
CA LYS A 179 -26.27 -12.55 17.67
C LYS A 179 -25.70 -12.06 16.35
N VAL A 180 -24.69 -12.75 15.82
CA VAL A 180 -24.11 -12.36 14.53
C VAL A 180 -25.18 -12.40 13.44
N LYS A 181 -25.96 -13.47 13.40
CA LYS A 181 -27.01 -13.57 12.39
C LYS A 181 -28.03 -12.46 12.54
N ARG A 182 -28.43 -12.18 13.78
CA ARG A 182 -29.47 -11.18 13.99
C ARG A 182 -28.97 -9.79 13.63
N VAL A 183 -27.69 -9.50 13.92
CA VAL A 183 -27.12 -8.21 13.56
C VAL A 183 -27.10 -8.03 12.05
N ILE A 184 -26.71 -9.07 11.31
CA ILE A 184 -26.63 -8.93 9.85
C ILE A 184 -28.01 -8.67 9.26
N GLU A 185 -29.03 -9.44 9.70
CA GLU A 185 -30.39 -9.17 9.23
C GLU A 185 -30.80 -7.73 9.50
N ASP A 186 -30.55 -7.25 10.73
CA ASP A 186 -30.92 -5.88 11.08
C ASP A 186 -30.23 -4.85 10.21
N LEU A 187 -28.96 -5.08 9.87
CA LEU A 187 -28.21 -4.10 9.12
C LEU A 187 -28.39 -4.24 7.62
N SER A 188 -29.32 -5.09 7.18
CA SER A 188 -29.43 -5.48 5.79
C SER A 188 -30.48 -4.69 5.01
N GLY A 189 -31.21 -3.79 5.66
CA GLY A 189 -32.24 -3.00 5.02
C GLY A 189 -31.76 -2.13 3.86
N PHE B 6 -9.55 -32.24 14.85
CA PHE B 6 -9.10 -32.76 16.12
C PHE B 6 -7.58 -32.60 16.22
N MET B 7 -6.84 -33.58 15.70
CA MET B 7 -5.40 -33.65 15.81
C MET B 7 -4.76 -33.89 14.45
N LEU B 8 -3.44 -33.80 14.42
CA LEU B 8 -2.62 -34.13 13.24
C LEU B 8 -2.11 -35.55 13.42
N GLU B 9 -2.40 -36.42 12.43
CA GLU B 9 -2.01 -37.81 12.46
C GLU B 9 -0.83 -38.05 11.53
N VAL B 10 0.10 -38.90 11.94
CA VAL B 10 1.26 -39.23 11.13
C VAL B 10 1.40 -40.75 11.04
N LYS B 11 1.71 -41.24 9.84
CA LYS B 11 2.13 -42.62 9.62
C LYS B 11 3.42 -42.62 8.84
N GLU B 12 4.40 -43.41 9.28
CA GLU B 12 5.69 -43.49 8.59
C GLU B 12 5.55 -44.44 7.40
N ALA B 13 5.76 -43.92 6.20
CA ALA B 13 5.78 -44.76 5.00
C ALA B 13 7.15 -45.34 4.71
N SER B 14 8.20 -44.74 5.27
CA SER B 14 9.59 -45.13 5.03
C SER B 14 10.45 -44.30 5.98
N PRO B 15 11.71 -44.68 6.21
CA PRO B 15 12.56 -43.87 7.11
C PRO B 15 12.85 -42.48 6.57
N THR B 16 12.44 -42.16 5.34
CA THR B 16 12.64 -40.83 4.79
C THR B 16 11.34 -40.12 4.50
N SER B 17 10.19 -40.75 4.74
CA SER B 17 8.92 -40.24 4.26
C SER B 17 7.80 -40.59 5.24
N ILE B 18 6.85 -39.67 5.38
CA ILE B 18 5.69 -39.86 6.25
C ILE B 18 4.42 -39.45 5.51
N GLN B 19 3.29 -39.88 6.05
CA GLN B 19 1.97 -39.51 5.54
C GLN B 19 1.17 -38.87 6.67
N ILE B 20 0.89 -37.58 6.54
CA ILE B 20 0.18 -36.84 7.58
C ILE B 20 -1.27 -36.63 7.18
N SER B 21 -2.16 -36.64 8.18
CA SER B 21 -3.58 -36.53 7.95
C SER B 21 -4.19 -35.59 9.00
N TRP B 22 -5.28 -34.93 8.61
CA TRP B 22 -5.94 -33.95 9.47
C TRP B 22 -7.44 -34.03 9.25
N VAL B 23 -8.19 -33.45 10.18
CA VAL B 23 -9.65 -33.51 10.15
C VAL B 23 -10.19 -32.22 9.55
N LEU B 24 -10.95 -32.35 8.47
CA LEU B 24 -11.57 -31.23 7.78
C LEU B 24 -12.61 -30.61 8.70
N HIS B 25 -12.28 -29.47 9.31
CA HIS B 25 -13.19 -28.80 10.22
C HIS B 25 -13.89 -27.62 9.57
N LEU B 26 -13.17 -26.86 8.77
CA LEU B 26 -13.74 -25.78 7.98
C LEU B 26 -14.25 -26.38 6.69
N ARG B 27 -15.46 -25.99 6.28
CA ARG B 27 -16.05 -26.53 5.06
C ARG B 27 -15.61 -25.80 3.79
N HIS B 28 -15.18 -24.55 3.89
CA HIS B 28 -14.92 -23.72 2.71
C HIS B 28 -13.44 -23.32 2.75
N VAL B 29 -12.59 -24.26 2.33
CA VAL B 29 -11.14 -24.10 2.37
C VAL B 29 -10.62 -24.06 0.94
N ARG B 30 -9.87 -23.01 0.61
CA ARG B 30 -9.20 -22.94 -0.69
C ARG B 30 -8.11 -24.01 -0.80
N TYR B 31 -7.13 -23.96 0.10
CA TYR B 31 -6.08 -24.95 0.15
C TYR B 31 -5.57 -25.06 1.57
N TYR B 32 -4.90 -26.17 1.86
CA TYR B 32 -4.17 -26.35 3.10
C TYR B 32 -2.69 -26.17 2.84
N ARG B 33 -2.01 -25.48 3.74
CA ARG B 33 -0.58 -25.22 3.61
C ARG B 33 0.15 -26.10 4.61
N ILE B 34 1.09 -26.92 4.11
CA ILE B 34 1.91 -27.82 4.91
C ILE B 34 3.31 -27.24 5.01
N THR B 35 3.82 -27.11 6.24
CA THR B 35 5.20 -26.72 6.46
C THR B 35 5.84 -27.79 7.34
N TYR B 36 7.12 -28.04 7.09
CA TYR B 36 7.90 -28.97 7.91
C TYR B 36 9.35 -28.52 7.94
N GLY B 37 9.97 -28.69 9.10
CA GLY B 37 11.35 -28.30 9.29
C GLY B 37 11.92 -29.00 10.51
N GLU B 38 13.24 -29.09 10.53
CA GLU B 38 13.94 -29.74 11.63
C GLU B 38 13.59 -29.09 12.95
N THR B 39 13.02 -29.88 13.87
CA THR B 39 12.60 -29.38 15.19
C THR B 39 13.77 -28.71 15.90
N GLY B 40 13.68 -27.40 16.07
CA GLY B 40 14.83 -26.63 16.49
C GLY B 40 15.88 -26.61 15.39
N GLY B 41 15.86 -25.56 14.58
CA GLY B 41 16.78 -25.49 13.46
C GLY B 41 16.84 -24.12 12.80
N ASN B 42 18.05 -23.60 12.65
CA ASN B 42 18.25 -22.36 11.92
C ASN B 42 17.83 -22.46 10.46
N SER B 43 17.74 -23.68 9.93
CA SER B 43 17.39 -23.88 8.52
C SER B 43 15.93 -23.48 8.28
N PRO B 44 15.65 -22.66 7.25
CA PRO B 44 14.26 -22.30 6.94
C PRO B 44 13.35 -23.50 6.77
N VAL B 45 12.06 -23.30 7.00
CA VAL B 45 11.07 -24.35 6.86
C VAL B 45 10.79 -24.60 5.39
N GLN B 46 10.42 -25.83 5.06
CA GLN B 46 9.97 -26.22 3.72
C GLN B 46 8.44 -26.26 3.70
N GLU B 47 7.84 -25.97 2.55
CA GLU B 47 6.39 -25.90 2.52
C GLU B 47 5.84 -26.22 1.13
N PHE B 48 4.59 -26.68 1.12
CA PHE B 48 3.84 -26.93 -0.10
C PHE B 48 2.36 -26.88 0.25
N THR B 49 1.51 -27.08 -0.75
CA THR B 49 0.08 -26.99 -0.54
C THR B 49 -0.63 -28.18 -1.14
N VAL B 50 -1.85 -28.41 -0.65
CA VAL B 50 -2.78 -29.36 -1.25
C VAL B 50 -4.15 -28.73 -1.31
N PRO B 51 -4.96 -29.11 -2.30
CA PRO B 51 -6.30 -28.52 -2.42
C PRO B 51 -7.10 -28.70 -1.15
N GLY B 52 -8.03 -27.76 -0.94
CA GLY B 52 -8.89 -27.77 0.25
C GLY B 52 -9.77 -28.99 0.34
N SER B 53 -9.81 -29.81 -0.70
CA SER B 53 -10.53 -31.08 -0.68
C SER B 53 -9.71 -32.19 -0.05
N LYS B 54 -8.40 -32.01 0.09
CA LYS B 54 -7.52 -33.06 0.59
C LYS B 54 -7.43 -32.99 2.12
N SER B 55 -7.39 -34.17 2.74
CA SER B 55 -7.15 -34.28 4.18
C SER B 55 -5.89 -35.07 4.47
N THR B 56 -5.02 -35.26 3.48
CA THR B 56 -3.80 -36.03 3.68
C THR B 56 -2.73 -35.53 2.72
N ALA B 57 -1.48 -35.82 3.07
CA ALA B 57 -0.33 -35.29 2.34
C ALA B 57 0.89 -36.13 2.63
N THR B 58 1.74 -36.28 1.62
CA THR B 58 2.99 -37.03 1.73
C THR B 58 4.14 -36.05 1.92
N ILE B 59 4.98 -36.33 2.92
CA ILE B 59 6.21 -35.57 3.16
C ILE B 59 7.37 -36.56 3.11
N SER B 60 8.20 -36.44 2.08
CA SER B 60 9.39 -37.28 1.95
C SER B 60 10.63 -36.40 1.93
N GLY B 61 11.79 -37.05 1.83
CA GLY B 61 13.06 -36.34 1.93
C GLY B 61 13.43 -35.95 3.35
N LEU B 62 12.94 -36.67 4.34
CA LEU B 62 13.23 -36.38 5.73
C LEU B 62 14.51 -37.09 6.14
N LYS B 63 15.32 -36.45 7.00
CA LYS B 63 16.48 -37.13 7.58
C LYS B 63 15.97 -38.18 8.57
N PRO B 64 16.36 -39.44 8.42
CA PRO B 64 15.82 -40.48 9.31
C PRO B 64 16.25 -40.26 10.75
N GLY B 65 15.33 -40.53 11.67
CA GLY B 65 15.57 -40.35 13.08
C GLY B 65 15.60 -38.92 13.57
N VAL B 66 15.47 -37.93 12.69
CA VAL B 66 15.63 -36.53 13.06
C VAL B 66 14.26 -35.93 13.32
N ASP B 67 14.16 -35.15 14.39
CA ASP B 67 12.88 -34.58 14.80
C ASP B 67 12.47 -33.45 13.85
N TYR B 68 11.24 -33.54 13.32
CA TYR B 68 10.68 -32.53 12.44
C TYR B 68 9.41 -31.96 13.05
N THR B 69 9.20 -30.66 12.87
CA THR B 69 7.97 -29.99 13.28
C THR B 69 7.12 -29.76 12.04
N ILE B 70 5.94 -30.38 12.00
CA ILE B 70 5.03 -30.30 10.87
C ILE B 70 3.78 -29.56 11.29
N THR B 71 3.36 -28.58 10.49
CA THR B 71 2.19 -27.77 10.79
C THR B 71 1.33 -27.62 9.55
N VAL B 72 0.02 -27.60 9.75
CA VAL B 72 -0.93 -27.50 8.65
C VAL B 72 -1.79 -26.26 8.88
N TYR B 73 -1.86 -25.40 7.89
CA TYR B 73 -2.64 -24.17 7.92
C TYR B 73 -3.79 -24.28 6.94
N ALA B 74 -5.00 -23.94 7.39
CA ALA B 74 -6.14 -23.83 6.47
C ALA B 74 -6.22 -22.41 5.93
N VAL B 75 -6.26 -22.27 4.61
CA VAL B 75 -6.51 -20.99 3.96
C VAL B 75 -7.93 -21.02 3.43
N THR B 76 -8.80 -20.16 3.99
CA THR B 76 -10.20 -20.22 3.62
C THR B 76 -10.43 -19.47 2.31
N ILE B 77 -11.56 -19.77 1.67
CA ILE B 77 -11.91 -19.07 0.43
C ILE B 77 -12.17 -17.61 0.70
N PHE B 78 -12.49 -17.24 1.94
CA PHE B 78 -12.70 -15.84 2.29
C PHE B 78 -11.42 -15.03 2.38
N SER B 79 -10.25 -15.68 2.33
CA SER B 79 -8.98 -15.03 2.50
C SER B 79 -8.17 -15.08 1.21
N ALA B 80 -7.35 -14.05 0.99
CA ALA B 80 -6.46 -14.07 -0.17
C ALA B 80 -5.21 -14.90 0.09
N TYR B 81 -4.70 -14.92 1.34
CA TYR B 81 -3.50 -15.68 1.64
C TYR B 81 -3.43 -16.10 3.11
N ARG B 82 -3.75 -15.19 4.03
CA ARG B 82 -3.59 -15.50 5.45
C ARG B 82 -4.47 -16.68 5.83
N SER B 83 -3.95 -17.52 6.72
CA SER B 83 -4.63 -18.74 7.10
C SER B 83 -5.57 -18.52 8.28
N ALA B 84 -6.46 -19.49 8.49
CA ALA B 84 -7.29 -19.53 9.67
C ALA B 84 -6.45 -19.88 10.91
N TRP B 85 -6.95 -19.45 12.06
CA TRP B 85 -6.22 -19.65 13.31
C TRP B 85 -7.05 -20.47 14.28
N PRO B 86 -6.43 -21.40 15.03
CA PRO B 86 -5.02 -21.76 15.02
C PRO B 86 -4.68 -22.84 14.02
N PRO B 87 -3.42 -22.89 13.60
CA PRO B 87 -2.94 -24.05 12.84
C PRO B 87 -2.81 -25.26 13.76
N ILE B 88 -2.65 -26.43 13.15
CA ILE B 88 -2.46 -27.68 13.86
C ILE B 88 -1.05 -28.17 13.60
N SER B 89 -0.40 -28.72 14.62
CA SER B 89 1.01 -29.07 14.52
C SER B 89 1.30 -30.31 15.36
N ILE B 90 2.36 -31.03 14.98
CA ILE B 90 2.95 -32.10 15.78
C ILE B 90 4.46 -32.14 15.55
N ASN B 91 5.16 -32.79 16.47
CA ASN B 91 6.58 -33.08 16.34
C ASN B 91 6.73 -34.56 16.08
N TYR B 92 7.52 -34.93 15.07
CA TYR B 92 7.68 -36.34 14.72
C TYR B 92 9.07 -36.61 14.18
N ARG B 93 9.62 -37.77 14.55
CA ARG B 93 10.85 -38.31 13.97
C ARG B 93 10.58 -39.72 13.45
N THR B 94 11.19 -40.08 12.31
CA THR B 94 10.90 -41.40 11.76
C THR B 94 11.77 -42.45 12.42
N GLY B 95 11.36 -43.69 12.30
CA GLY B 95 12.04 -44.78 12.98
C GLY B 95 11.54 -44.96 14.39
N SER B 96 11.49 -46.22 14.81
CA SER B 96 10.99 -46.58 16.13
C SER B 96 11.32 -48.04 16.44
N TYR C 9 -12.78 29.80 -16.91
CA TYR C 9 -11.36 29.90 -16.56
C TYR C 9 -11.08 29.41 -15.14
N ALA C 10 -10.15 28.47 -15.03
CA ALA C 10 -9.81 27.86 -13.75
C ALA C 10 -8.47 28.41 -13.25
N ARG C 11 -8.45 28.85 -12.01
CA ARG C 11 -7.22 29.37 -11.45
C ARG C 11 -6.22 28.22 -11.26
N PRO C 12 -4.94 28.45 -11.52
CA PRO C 12 -3.94 27.42 -11.21
C PRO C 12 -3.65 27.39 -9.72
N ILE C 13 -3.07 26.27 -9.27
CA ILE C 13 -2.93 25.94 -7.85
C ILE C 13 -1.46 25.71 -7.53
N ILE C 14 -1.01 26.29 -6.41
CA ILE C 14 0.31 26.00 -5.84
C ILE C 14 0.07 25.68 -4.37
N ILE C 15 0.33 24.44 -3.98
CA ILE C 15 0.23 24.04 -2.58
C ILE C 15 1.63 23.89 -2.01
N LEU C 16 1.86 24.53 -0.86
CA LEU C 16 3.16 24.56 -0.21
C LEU C 16 3.04 24.05 1.22
N GLY C 17 4.17 23.59 1.77
CA GLY C 17 4.19 23.10 3.13
C GLY C 17 4.11 21.58 3.22
N PRO C 18 4.15 21.07 4.46
CA PRO C 18 4.16 19.62 4.66
C PRO C 18 2.99 18.95 3.96
N THR C 19 3.26 17.76 3.39
CA THR C 19 2.32 16.89 2.68
C THR C 19 1.79 17.47 1.37
N LYS C 20 2.41 18.50 0.81
CA LYS C 20 1.88 19.09 -0.42
C LYS C 20 1.97 18.11 -1.58
N ASP C 21 3.06 17.33 -1.65
CA ASP C 21 3.18 16.36 -2.73
C ASP C 21 2.03 15.37 -2.71
N ARG C 22 1.63 14.93 -1.51
CA ARG C 22 0.49 14.04 -1.42
C ARG C 22 -0.81 14.74 -1.82
N ALA C 23 -0.98 16.00 -1.40
CA ALA C 23 -2.19 16.73 -1.75
C ALA C 23 -2.29 16.91 -3.26
N ASN C 24 -1.21 17.37 -3.89
CA ASN C 24 -1.16 17.50 -5.34
C ASN C 24 -1.56 16.20 -6.03
N ASP C 25 -1.01 15.09 -5.54
CA ASP C 25 -1.20 13.81 -6.20
C ASP C 25 -2.64 13.35 -6.06
N ASP C 26 -3.21 13.51 -4.86
CA ASP C 26 -4.57 13.05 -4.61
C ASP C 26 -5.60 13.92 -5.33
N LEU C 27 -5.31 15.20 -5.53
CA LEU C 27 -6.27 16.07 -6.21
C LEU C 27 -6.45 15.65 -7.66
N LEU C 28 -5.35 15.49 -8.40
CA LEU C 28 -5.46 15.02 -9.79
C LEU C 28 -6.20 13.70 -9.88
N SER C 29 -5.94 12.78 -8.94
CA SER C 29 -6.52 11.45 -9.03
C SER C 29 -8.01 11.46 -8.74
N GLU C 30 -8.46 12.35 -7.86
CA GLU C 30 -9.86 12.35 -7.45
C GLU C 30 -10.74 13.18 -8.37
N PHE C 31 -10.21 14.23 -8.98
CA PHE C 31 -10.97 15.12 -9.85
C PHE C 31 -10.20 15.36 -11.16
N PRO C 32 -10.04 14.33 -12.00
CA PRO C 32 -9.33 14.56 -13.28
C PRO C 32 -10.03 15.53 -14.22
N ASP C 33 -11.31 15.84 -13.99
CA ASP C 33 -12.01 16.80 -14.84
C ASP C 33 -11.73 18.24 -14.43
N LYS C 34 -11.41 18.47 -13.15
CA LYS C 34 -11.21 19.81 -12.61
C LYS C 34 -9.75 20.19 -12.47
N PHE C 35 -8.83 19.23 -12.46
CA PHE C 35 -7.41 19.52 -12.27
C PHE C 35 -6.60 18.90 -13.39
N GLY C 36 -5.45 19.51 -13.66
CA GLY C 36 -4.53 18.97 -14.63
C GLY C 36 -3.13 19.45 -14.35
N SER C 37 -2.22 19.08 -15.23
CA SER C 37 -0.83 19.49 -15.12
C SER C 37 -0.35 19.97 -16.48
N CYS C 38 0.56 20.92 -16.47
CA CYS C 38 1.09 21.49 -17.70
C CYS C 38 2.39 20.80 -18.09
N VAL C 39 2.79 21.01 -19.34
CA VAL C 39 3.98 20.39 -19.92
C VAL C 39 5.13 21.37 -19.80
N PRO C 40 6.23 21.03 -19.15
CA PRO C 40 7.35 21.95 -19.01
C PRO C 40 8.30 21.90 -20.21
N HIS C 41 9.29 22.78 -20.19
CA HIS C 41 10.30 22.90 -21.23
C HIS C 41 11.65 22.43 -20.73
N THR C 42 12.43 21.82 -21.63
CA THR C 42 13.82 21.52 -21.32
C THR C 42 14.64 21.57 -22.60
N THR C 43 15.91 21.94 -22.46
CA THR C 43 16.85 21.88 -23.58
C THR C 43 17.61 20.58 -23.63
N ARG C 44 17.62 19.82 -22.54
CA ARG C 44 18.26 18.52 -22.53
C ARG C 44 17.66 17.63 -23.61
N PRO C 45 18.46 16.77 -24.25
CA PRO C 45 17.90 15.86 -25.24
C PRO C 45 16.89 14.91 -24.62
N LYS C 46 15.89 14.54 -25.41
CA LYS C 46 14.86 13.62 -24.98
C LYS C 46 15.44 12.22 -24.71
N ARG C 47 14.92 11.57 -23.66
CA ARG C 47 15.25 10.19 -23.34
C ARG C 47 14.38 9.25 -24.18
N GLU C 48 14.79 7.98 -24.25
CA GLU C 48 14.07 7.04 -25.12
C GLU C 48 12.60 6.93 -24.75
N TYR C 49 12.28 6.93 -23.45
CA TYR C 49 10.90 6.78 -22.99
C TYR C 49 10.11 8.09 -23.01
N GLU C 50 10.69 9.20 -23.45
CA GLU C 50 10.02 10.50 -23.41
C GLU C 50 9.43 10.87 -24.77
N ILE C 51 8.32 11.60 -24.72
CA ILE C 51 7.57 12.04 -25.90
C ILE C 51 7.49 13.56 -25.90
N ASP C 52 7.97 14.17 -26.99
CA ASP C 52 7.86 15.61 -27.16
C ASP C 52 6.39 16.05 -27.16
N GLY C 53 6.08 17.04 -26.33
CA GLY C 53 4.73 17.52 -26.20
C GLY C 53 3.93 16.88 -25.08
N ARG C 54 4.45 15.79 -24.50
CA ARG C 54 3.81 15.14 -23.37
C ARG C 54 4.66 15.26 -22.11
N ASP C 55 5.87 14.71 -22.10
CA ASP C 55 6.73 14.81 -20.93
C ASP C 55 7.34 16.20 -20.79
N TYR C 56 7.97 16.69 -21.87
CA TYR C 56 8.49 18.05 -21.95
C TYR C 56 8.22 18.61 -23.34
N HIS C 57 8.42 19.91 -23.46
CA HIS C 57 8.67 20.55 -24.75
C HIS C 57 10.19 20.62 -24.92
N PHE C 58 10.72 19.88 -25.90
CA PHE C 58 12.17 19.75 -26.07
C PHE C 58 12.65 20.85 -27.00
N VAL C 59 13.30 21.85 -26.43
CA VAL C 59 13.79 23.00 -27.17
C VAL C 59 15.12 22.65 -27.82
N SER C 60 15.29 23.06 -29.08
CA SER C 60 16.53 22.84 -29.80
C SER C 60 17.74 23.42 -29.07
N SER C 61 17.79 24.73 -28.94
CA SER C 61 18.99 25.42 -28.47
C SER C 61 18.79 26.00 -27.07
N ARG C 62 19.85 25.90 -26.26
CA ARG C 62 19.85 26.56 -24.96
C ARG C 62 19.64 28.06 -25.11
N GLU C 63 20.18 28.65 -26.18
CA GLU C 63 20.01 30.08 -26.42
C GLU C 63 18.54 30.45 -26.57
N LYS C 64 17.81 29.71 -27.42
CA LYS C 64 16.39 30.00 -27.64
C LYS C 64 15.63 30.10 -26.32
N MET C 65 15.71 29.04 -25.50
CA MET C 65 15.04 29.05 -24.21
C MET C 65 15.66 30.06 -23.24
N GLU C 66 16.95 30.38 -23.39
CA GLU C 66 17.56 31.40 -22.53
C GLU C 66 16.93 32.77 -22.77
N LYS C 67 16.75 33.14 -24.04
CA LYS C 67 16.08 34.41 -24.33
C LYS C 67 14.64 34.39 -23.85
N ASP C 68 13.96 33.25 -24.01
CA ASP C 68 12.59 33.14 -23.49
C ASP C 68 12.56 33.34 -21.98
N ILE C 69 13.54 32.80 -21.26
CA ILE C 69 13.64 33.04 -19.81
C ILE C 69 13.84 34.53 -19.54
N GLN C 70 14.72 35.17 -20.33
CA GLN C 70 14.95 36.60 -20.16
C GLN C 70 13.70 37.41 -20.52
N ALA C 71 12.90 36.93 -21.47
CA ALA C 71 11.67 37.59 -21.88
C ALA C 71 10.50 37.34 -20.93
N HIS C 72 10.76 36.78 -19.75
CA HIS C 72 9.75 36.54 -18.72
C HIS C 72 8.65 35.61 -19.20
N LYS C 73 9.00 34.63 -20.03
CA LYS C 73 8.04 33.66 -20.54
C LYS C 73 7.89 32.46 -19.61
N PHE C 74 8.68 32.37 -18.54
CA PHE C 74 8.65 31.23 -17.63
C PHE C 74 8.32 31.70 -16.22
N ILE C 75 7.45 30.93 -15.55
CA ILE C 75 7.14 31.21 -14.16
C ILE C 75 8.17 30.60 -13.21
N GLU C 76 8.98 29.65 -13.68
CA GLU C 76 10.09 29.10 -12.92
C GLU C 76 11.02 28.40 -13.90
N ALA C 77 12.33 28.62 -13.71
CA ALA C 77 13.32 28.04 -14.62
C ALA C 77 14.65 27.93 -13.90
N GLY C 78 15.45 26.98 -14.33
CA GLY C 78 16.79 26.81 -13.80
C GLY C 78 17.64 25.98 -14.72
N GLN C 79 18.94 26.02 -14.50
CA GLN C 79 19.90 25.23 -15.25
C GLN C 79 20.40 24.13 -14.33
N TYR C 80 20.17 22.87 -14.72
CA TYR C 80 20.59 21.72 -13.93
C TYR C 80 21.31 20.74 -14.84
N ASN C 81 22.50 20.32 -14.43
CA ASN C 81 23.36 19.45 -15.23
C ASN C 81 23.54 20.02 -16.64
N SER C 82 23.81 21.33 -16.69
CA SER C 82 24.16 22.11 -17.88
C SER C 82 22.96 22.41 -18.77
N HIS C 83 21.75 21.95 -18.42
CA HIS C 83 20.59 22.07 -19.28
C HIS C 83 19.51 22.90 -18.61
N LEU C 84 18.69 23.55 -19.44
CA LEU C 84 17.62 24.42 -18.96
C LEU C 84 16.32 23.65 -18.79
N TYR C 85 15.65 23.89 -17.67
CA TYR C 85 14.32 23.36 -17.39
C TYR C 85 13.43 24.49 -16.90
N GLY C 86 12.18 24.50 -17.33
CA GLY C 86 11.27 25.54 -16.90
C GLY C 86 9.82 25.22 -17.14
N THR C 87 8.96 25.86 -16.35
CA THR C 87 7.51 25.83 -16.55
C THR C 87 7.07 27.16 -17.13
N SER C 88 6.49 27.12 -18.33
CA SER C 88 6.23 28.32 -19.09
C SER C 88 4.86 28.92 -18.76
N VAL C 89 4.77 30.24 -18.89
CA VAL C 89 3.50 30.94 -18.70
C VAL C 89 2.44 30.38 -19.64
N GLN C 90 2.81 30.19 -20.91
CA GLN C 90 1.87 29.67 -21.91
C GLN C 90 1.35 28.28 -21.54
N SER C 91 2.24 27.38 -21.08
CA SER C 91 1.81 26.02 -20.78
C SER C 91 0.74 26.01 -19.68
N VAL C 92 0.92 26.85 -18.65
CA VAL C 92 -0.08 26.97 -17.60
C VAL C 92 -1.37 27.53 -18.17
N ARG C 93 -1.27 28.61 -18.94
CA ARG C 93 -2.46 29.25 -19.51
C ARG C 93 -3.26 28.25 -20.35
N GLU C 94 -2.57 27.39 -21.12
CA GLU C 94 -3.28 26.40 -21.92
C GLU C 94 -4.16 25.50 -21.05
N VAL C 95 -3.66 25.13 -19.86
CA VAL C 95 -4.42 24.25 -18.99
C VAL C 95 -5.57 25.00 -18.33
N ALA C 96 -5.30 26.21 -17.85
CA ALA C 96 -6.33 27.03 -17.24
C ALA C 96 -7.48 27.31 -18.19
N GLU C 97 -7.20 27.36 -19.49
CA GLU C 97 -8.21 27.69 -20.46
C GLU C 97 -9.02 26.47 -20.90
N GLN C 98 -8.61 25.27 -20.51
CA GLN C 98 -9.51 24.11 -20.57
C GLN C 98 -10.43 24.04 -19.35
N GLY C 99 -10.37 25.06 -18.49
CA GLY C 99 -11.14 25.04 -17.27
C GLY C 99 -10.63 24.08 -16.22
N LYS C 100 -9.33 23.80 -16.20
CA LYS C 100 -8.74 22.89 -15.23
C LYS C 100 -7.75 23.62 -14.34
N HIS C 101 -7.84 23.39 -13.04
CA HIS C 101 -6.85 23.95 -12.12
C HIS C 101 -5.50 23.29 -12.41
N CYS C 102 -4.52 24.10 -12.80
CA CYS C 102 -3.21 23.55 -13.11
C CYS C 102 -2.44 23.39 -11.80
N ILE C 103 -2.22 22.13 -11.41
CA ILE C 103 -1.49 21.84 -10.18
C ILE C 103 -0.01 22.02 -10.44
N LEU C 104 0.63 22.90 -9.67
CA LEU C 104 2.03 23.24 -9.91
C LEU C 104 2.90 22.88 -8.71
N ASP C 105 4.05 22.28 -9.01
CA ASP C 105 5.14 22.06 -8.06
C ASP C 105 6.25 23.05 -8.40
N VAL C 106 6.13 24.26 -7.84
CA VAL C 106 7.09 25.34 -8.02
C VAL C 106 7.35 25.96 -6.66
N SER C 107 8.38 26.79 -6.58
CA SER C 107 8.64 27.49 -5.32
C SER C 107 7.59 28.57 -5.10
N ALA C 108 7.55 29.09 -3.86
CA ALA C 108 6.67 30.21 -3.57
C ALA C 108 7.03 31.44 -4.38
N ASN C 109 8.26 31.54 -4.87
CA ASN C 109 8.66 32.68 -5.69
C ASN C 109 7.85 32.77 -6.98
N ALA C 110 7.27 31.66 -7.43
CA ALA C 110 6.53 31.65 -8.68
C ALA C 110 5.13 32.25 -8.55
N VAL C 111 4.63 32.44 -7.33
CA VAL C 111 3.32 33.06 -7.16
C VAL C 111 3.32 34.47 -7.71
N ARG C 112 4.34 35.26 -7.35
CA ARG C 112 4.46 36.61 -7.90
C ARG C 112 4.45 36.60 -9.42
N ARG C 113 5.15 35.62 -10.03
CA ARG C 113 5.29 35.59 -11.48
C ARG C 113 4.00 35.16 -12.16
N LEU C 114 3.24 34.26 -11.53
CA LEU C 114 1.91 33.95 -12.05
C LEU C 114 0.96 35.14 -11.93
N GLN C 115 1.07 35.91 -10.84
CA GLN C 115 0.23 37.10 -10.73
C GLN C 115 0.60 38.13 -11.79
N ALA C 116 1.89 38.29 -12.07
CA ALA C 116 2.31 39.20 -13.14
C ALA C 116 1.75 38.77 -14.50
N ALA C 117 1.66 37.46 -14.73
CA ALA C 117 1.11 36.95 -15.98
C ALA C 117 -0.41 37.04 -16.04
N HIS C 118 -1.04 37.68 -15.05
CA HIS C 118 -2.50 37.69 -14.91
C HIS C 118 -3.08 36.30 -15.01
N LEU C 119 -2.53 35.39 -14.21
CA LEU C 119 -3.05 34.03 -14.14
C LEU C 119 -3.84 33.78 -12.86
N HIS C 120 -3.77 34.72 -11.92
CA HIS C 120 -4.61 34.76 -10.72
C HIS C 120 -4.49 33.45 -9.94
N PRO C 121 -3.29 33.06 -9.49
CA PRO C 121 -3.13 31.76 -8.84
C PRO C 121 -3.85 31.65 -7.51
N ILE C 122 -4.13 30.40 -7.14
CA ILE C 122 -4.50 30.05 -5.77
C ILE C 122 -3.28 29.39 -5.13
N ALA C 123 -2.82 29.96 -4.03
CA ALA C 123 -1.66 29.42 -3.31
C ALA C 123 -2.11 29.11 -1.89
N ILE C 124 -1.94 27.86 -1.47
CA ILE C 124 -2.37 27.41 -0.15
C ILE C 124 -1.16 26.87 0.60
N PHE C 125 -0.98 27.33 1.84
CA PHE C 125 0.10 26.88 2.71
C PHE C 125 -0.47 25.96 3.78
N ILE C 126 0.12 24.78 3.90
CA ILE C 126 -0.26 23.81 4.94
C ILE C 126 0.66 24.06 6.12
N ARG C 127 0.10 24.56 7.23
CA ARG C 127 0.93 24.92 8.38
C ARG C 127 0.89 23.82 9.42
N PRO C 128 2.03 23.22 9.77
CA PRO C 128 2.05 22.28 10.90
C PRO C 128 1.96 23.04 12.21
N ARG C 129 1.15 22.52 13.14
CA ARG C 129 0.92 23.23 14.40
C ARG C 129 2.09 23.12 15.35
N SER C 130 2.86 22.05 15.23
CA SER C 130 3.94 21.71 16.15
C SER C 130 4.74 20.60 15.50
N LEU C 131 5.85 20.21 16.14
CA LEU C 131 6.61 19.07 15.65
C LEU C 131 5.78 17.80 15.73
N GLU C 132 5.06 17.60 16.83
CA GLU C 132 4.17 16.44 16.94
C GLU C 132 3.13 16.43 15.82
N ASN C 133 2.61 17.61 15.48
CA ASN C 133 1.55 17.69 14.48
C ASN C 133 2.06 17.24 13.11
N VAL C 134 3.32 17.54 12.79
CA VAL C 134 3.93 17.03 11.55
C VAL C 134 3.79 15.52 11.47
N LEU C 135 4.14 14.84 12.57
CA LEU C 135 4.01 13.38 12.65
C LEU C 135 2.56 12.92 12.60
N GLU C 136 1.62 13.78 12.98
CA GLU C 136 0.21 13.43 12.90
C GLU C 136 -0.32 13.47 11.47
N ILE C 137 0.19 14.38 10.64
CA ILE C 137 -0.35 14.56 9.29
C ILE C 137 0.47 13.81 8.25
N ASN C 138 1.75 13.57 8.53
CA ASN C 138 2.63 12.75 7.71
C ASN C 138 3.12 11.59 8.57
N LYS C 139 2.43 10.46 8.47
CA LYS C 139 2.77 9.27 9.23
C LYS C 139 3.89 8.46 8.61
N ARG C 140 4.51 8.93 7.52
CA ARG C 140 5.51 8.15 6.82
C ARG C 140 6.94 8.57 7.11
N ILE C 141 7.18 9.52 8.02
CA ILE C 141 8.51 10.06 8.20
C ILE C 141 8.95 9.91 9.65
N THR C 142 10.27 9.88 9.85
CA THR C 142 10.85 9.80 11.18
C THR C 142 10.62 11.11 11.93
N GLU C 143 10.98 11.10 13.22
CA GLU C 143 11.01 12.36 13.95
C GLU C 143 12.09 13.28 13.39
N GLU C 144 13.21 12.69 12.97
CA GLU C 144 14.31 13.46 12.38
C GLU C 144 13.86 14.19 11.12
N GLN C 145 13.10 13.51 10.25
CA GLN C 145 12.61 14.15 9.04
C GLN C 145 11.56 15.21 9.37
N ALA C 146 10.69 14.91 10.34
CA ALA C 146 9.64 15.86 10.72
C ALA C 146 10.23 17.17 11.19
N ARG C 147 11.38 17.13 11.91
CA ARG C 147 11.96 18.38 12.37
C ARG C 147 12.50 19.19 11.21
N LYS C 148 13.12 18.53 10.23
CA LYS C 148 13.53 19.19 8.99
C LYS C 148 12.34 19.85 8.30
N ALA C 149 11.24 19.11 8.17
CA ALA C 149 10.05 19.68 7.52
C ALA C 149 9.47 20.82 8.35
N PHE C 150 9.52 20.68 9.68
CA PHE C 150 9.03 21.75 10.54
C PHE C 150 9.86 23.01 10.39
N ASP C 151 11.19 22.86 10.39
CA ASP C 151 12.04 24.03 10.20
C ASP C 151 11.74 24.72 8.87
N ARG C 152 11.62 23.94 7.79
CA ARG C 152 11.37 24.53 6.47
C ARG C 152 10.03 25.26 6.43
N ALA C 153 8.98 24.64 6.96
CA ALA C 153 7.66 25.26 6.96
C ALA C 153 7.68 26.60 7.71
N THR C 154 8.33 26.63 8.87
CA THR C 154 8.47 27.86 9.64
C THR C 154 9.12 28.96 8.81
N LYS C 155 10.19 28.62 8.09
CA LYS C 155 10.92 29.62 7.30
C LYS C 155 10.06 30.08 6.11
N LEU C 156 9.33 29.15 5.52
CA LEU C 156 8.49 29.48 4.37
C LEU C 156 7.38 30.44 4.77
N GLU C 157 6.74 30.19 5.92
CA GLU C 157 5.70 31.10 6.39
C GLU C 157 6.26 32.49 6.65
N GLN C 158 7.46 32.57 7.20
N GLN C 158 7.48 32.58 7.18
CA GLN C 158 8.04 33.87 7.53
CA GLN C 158 8.02 33.89 7.53
C GLN C 158 8.28 34.71 6.29
C GLN C 158 8.28 34.72 6.28
N GLU C 159 8.74 34.08 5.21
CA GLU C 159 9.12 34.83 4.02
C GLU C 159 7.95 35.10 3.08
N PHE C 160 6.94 34.22 3.01
CA PHE C 160 5.98 34.26 1.90
C PHE C 160 4.52 34.33 2.35
N THR C 161 4.22 34.88 3.53
CA THR C 161 2.82 34.89 3.96
C THR C 161 1.93 35.65 2.99
N GLU C 162 2.40 36.78 2.46
CA GLU C 162 1.54 37.58 1.60
C GLU C 162 1.15 36.88 0.31
N CYS C 163 1.94 35.91 -0.18
CA CYS C 163 1.55 35.21 -1.39
CA CYS C 163 1.56 35.20 -1.39
C CYS C 163 0.49 34.15 -1.14
N PHE C 164 0.18 33.82 0.11
CA PHE C 164 -0.76 32.73 0.38
C PHE C 164 -2.20 33.21 0.25
N SER C 165 -2.98 32.54 -0.60
CA SER C 165 -4.43 32.78 -0.57
C SER C 165 -5.02 32.33 0.76
N ALA C 166 -4.48 31.26 1.35
CA ALA C 166 -5.06 30.65 2.53
C ALA C 166 -3.99 29.85 3.27
N ILE C 167 -4.17 29.72 4.58
CA ILE C 167 -3.40 28.81 5.43
C ILE C 167 -4.35 27.78 6.01
N VAL C 168 -3.96 26.52 5.97
CA VAL C 168 -4.81 25.44 6.46
C VAL C 168 -4.04 24.62 7.49
N GLU C 169 -4.78 24.12 8.48
CA GLU C 169 -4.21 23.30 9.55
C GLU C 169 -5.13 22.12 9.80
N GLY C 170 -4.59 21.09 10.44
CA GLY C 170 -5.39 19.95 10.85
C GLY C 170 -4.58 19.02 11.72
N ASP C 171 -5.30 18.12 12.40
CA ASP C 171 -4.68 17.08 13.19
CA ASP C 171 -4.68 17.08 13.19
C ASP C 171 -4.48 15.78 12.40
N SER C 172 -4.75 15.81 11.09
CA SER C 172 -4.66 14.65 10.23
C SER C 172 -4.60 15.15 8.80
N PHE C 173 -3.96 14.37 7.91
CA PHE C 173 -3.92 14.78 6.51
C PHE C 173 -5.32 14.82 5.90
N GLU C 174 -6.23 13.96 6.37
CA GLU C 174 -7.59 13.98 5.88
C GLU C 174 -8.26 15.31 6.16
N GLU C 175 -7.98 15.91 7.32
CA GLU C 175 -8.56 17.22 7.63
C GLU C 175 -7.93 18.32 6.76
N ILE C 176 -6.61 18.24 6.57
CA ILE C 176 -5.92 19.15 5.65
C ILE C 176 -6.50 19.05 4.25
N TYR C 177 -6.63 17.82 3.75
CA TYR C 177 -7.08 17.63 2.37
C TYR C 177 -8.48 18.18 2.19
N HIS C 178 -9.36 17.93 3.18
CA HIS C 178 -10.72 18.43 3.12
C HIS C 178 -10.74 19.96 3.04
N LYS C 179 -9.90 20.62 3.84
CA LYS C 179 -9.84 22.08 3.81
C LYS C 179 -9.28 22.59 2.49
N VAL C 180 -8.28 21.90 1.93
CA VAL C 180 -7.69 22.31 0.66
C VAL C 180 -8.76 22.29 -0.43
N LYS C 181 -9.56 21.22 -0.49
CA LYS C 181 -10.57 21.12 -1.54
C LYS C 181 -11.62 22.20 -1.38
N ARG C 182 -11.94 22.53 -0.13
CA ARG C 182 -12.98 23.53 0.12
C ARG C 182 -12.47 24.92 -0.24
N VAL C 183 -11.22 25.22 0.09
CA VAL C 183 -10.64 26.51 -0.28
C VAL C 183 -10.63 26.67 -1.81
N ILE C 184 -10.22 25.64 -2.54
CA ILE C 184 -10.16 25.75 -3.99
C ILE C 184 -11.55 25.93 -4.57
N GLU C 185 -12.51 25.11 -4.12
CA GLU C 185 -13.89 25.24 -4.60
C GLU C 185 -14.41 26.65 -4.37
N ASP C 186 -14.08 27.24 -3.22
CA ASP C 186 -14.64 28.53 -2.87
C ASP C 186 -13.91 29.69 -3.54
N LEU C 187 -12.69 29.48 -4.00
CA LEU C 187 -11.97 30.51 -4.75
C LEU C 187 -12.14 30.34 -6.26
N SER C 188 -12.99 29.43 -6.71
CA SER C 188 -13.14 29.14 -8.13
C SER C 188 -14.32 29.88 -8.76
N GLY C 189 -14.79 30.97 -8.15
CA GLY C 189 -15.91 31.72 -8.69
C GLY C 189 -15.63 32.47 -9.99
N PHE D 6 6.42 2.14 2.25
CA PHE D 6 7.37 3.21 2.00
C PHE D 6 8.75 2.66 2.25
N MET D 7 9.29 1.91 1.31
CA MET D 7 10.52 1.18 1.56
C MET D 7 11.39 1.15 0.31
N LEU D 8 12.61 0.68 0.52
CA LEU D 8 13.61 0.50 -0.52
C LEU D 8 14.26 -0.85 -0.26
N GLU D 9 14.05 -1.80 -1.17
CA GLU D 9 14.58 -3.15 -1.05
C GLU D 9 15.76 -3.31 -1.99
N VAL D 10 16.71 -4.15 -1.60
CA VAL D 10 17.91 -4.40 -2.39
C VAL D 10 18.12 -5.90 -2.51
N LYS D 11 18.42 -6.36 -3.71
CA LYS D 11 18.82 -7.74 -3.99
C LYS D 11 20.17 -7.71 -4.69
N GLU D 12 21.12 -8.48 -4.18
CA GLU D 12 22.39 -8.58 -4.88
C GLU D 12 22.22 -9.46 -6.11
N ALA D 13 22.72 -8.98 -7.25
CA ALA D 13 22.79 -9.76 -8.50
C ALA D 13 24.21 -9.57 -9.03
N SER D 14 25.11 -10.50 -8.69
CA SER D 14 26.55 -10.42 -8.91
C SER D 14 27.20 -9.54 -7.84
N PRO D 15 28.49 -9.73 -7.51
CA PRO D 15 29.10 -8.91 -6.45
C PRO D 15 29.36 -7.47 -6.87
N THR D 16 29.15 -7.12 -8.13
CA THR D 16 29.34 -5.76 -8.61
C THR D 16 28.03 -5.05 -8.92
N SER D 17 26.88 -5.67 -8.63
CA SER D 17 25.62 -5.13 -9.13
C SER D 17 24.46 -5.56 -8.26
N ILE D 18 23.46 -4.67 -8.13
CA ILE D 18 22.29 -4.91 -7.30
C ILE D 18 21.03 -4.58 -8.10
N GLN D 19 19.90 -5.04 -7.58
CA GLN D 19 18.59 -4.70 -8.09
C GLN D 19 17.78 -4.13 -6.95
N ILE D 20 17.27 -2.91 -7.11
CA ILE D 20 16.53 -2.22 -6.05
C ILE D 20 15.07 -2.08 -6.45
N SER D 21 14.21 -1.98 -5.43
CA SER D 21 12.78 -1.80 -5.63
C SER D 21 12.25 -0.85 -4.57
N TRP D 22 11.23 -0.08 -4.92
CA TRP D 22 10.84 1.02 -4.03
C TRP D 22 9.34 1.26 -4.05
N VAL D 23 8.89 1.99 -3.04
CA VAL D 23 7.52 2.45 -2.89
C VAL D 23 7.62 3.91 -2.48
N LEU D 24 7.03 4.82 -3.25
CA LEU D 24 7.05 6.23 -2.88
C LEU D 24 5.66 6.86 -2.75
N HIS D 25 4.59 6.07 -2.90
CA HIS D 25 3.23 6.50 -2.57
C HIS D 25 2.79 7.71 -3.40
N LEU D 26 3.05 7.68 -4.71
CA LEU D 26 2.70 8.79 -5.58
C LEU D 26 2.27 8.23 -6.92
N ARG D 27 1.06 8.58 -7.35
CA ARG D 27 0.53 8.02 -8.60
C ARG D 27 0.94 8.79 -9.84
N HIS D 28 1.35 10.05 -9.73
CA HIS D 28 1.61 10.87 -10.92
C HIS D 28 3.08 11.30 -10.94
N VAL D 29 3.93 10.39 -11.41
CA VAL D 29 5.38 10.56 -11.41
C VAL D 29 5.87 10.52 -12.85
N ARG D 30 6.57 11.58 -13.25
CA ARG D 30 7.26 11.61 -14.53
C ARG D 30 8.43 10.61 -14.58
N TYR D 31 9.35 10.70 -13.63
CA TYR D 31 10.41 9.71 -13.52
C TYR D 31 10.93 9.66 -12.10
N TYR D 32 11.68 8.59 -11.81
CA TYR D 32 12.41 8.47 -10.56
C TYR D 32 13.88 8.74 -10.81
N ARG D 33 14.53 9.40 -9.86
CA ARG D 33 15.94 9.68 -9.95
C ARG D 33 16.65 8.76 -8.96
N ILE D 34 17.52 7.90 -9.49
CA ILE D 34 18.30 6.97 -8.69
C ILE D 34 19.70 7.53 -8.52
N THR D 35 20.17 7.51 -7.28
CA THR D 35 21.42 8.12 -6.87
C THR D 35 22.18 7.11 -6.02
N TYR D 36 23.50 6.99 -6.23
CA TYR D 36 24.28 6.01 -5.46
C TYR D 36 25.76 6.39 -5.41
N GLY D 37 26.35 6.24 -4.23
CA GLY D 37 27.75 6.55 -4.04
C GLY D 37 28.28 5.86 -2.81
N GLU D 38 29.61 5.71 -2.75
CA GLU D 38 30.25 5.05 -1.62
C GLU D 38 29.90 5.74 -0.32
N THR D 39 29.31 4.97 0.61
CA THR D 39 28.84 5.51 1.88
C THR D 39 29.99 6.21 2.61
N GLY D 40 29.80 7.51 2.86
CA GLY D 40 30.85 8.32 3.44
C GLY D 40 32.05 8.49 2.53
N GLY D 41 31.82 9.08 1.35
CA GLY D 41 32.88 9.30 0.40
C GLY D 41 32.92 10.75 -0.04
N ASN D 42 34.05 11.12 -0.66
CA ASN D 42 34.23 12.47 -1.17
C ASN D 42 33.81 12.60 -2.63
N SER D 43 33.84 11.49 -3.38
CA SER D 43 33.43 11.53 -4.78
C SER D 43 31.98 12.01 -4.89
N PRO D 44 31.66 12.81 -5.91
CA PRO D 44 30.25 13.11 -6.18
C PRO D 44 29.49 11.83 -6.47
N VAL D 45 28.18 11.92 -6.33
CA VAL D 45 27.34 10.74 -6.47
C VAL D 45 27.11 10.44 -7.95
N GLN D 46 26.70 9.20 -8.22
CA GLN D 46 26.24 8.79 -9.55
C GLN D 46 24.72 8.76 -9.59
N GLU D 47 24.16 9.10 -10.75
CA GLU D 47 22.71 9.30 -10.83
C GLU D 47 22.21 8.96 -12.24
N PHE D 48 21.03 8.34 -12.29
CA PHE D 48 20.35 8.05 -13.54
C PHE D 48 18.85 8.00 -13.25
N THR D 49 18.04 7.91 -14.30
CA THR D 49 16.61 7.98 -14.13
C THR D 49 15.93 6.74 -14.72
N VAL D 50 14.72 6.47 -14.23
CA VAL D 50 13.89 5.40 -14.74
C VAL D 50 12.49 5.99 -14.92
N PRO D 51 11.71 5.52 -15.90
CA PRO D 51 10.37 6.08 -16.09
C PRO D 51 9.50 5.91 -14.85
N GLY D 52 8.58 6.86 -14.66
CA GLY D 52 7.67 6.85 -13.53
C GLY D 52 6.76 5.64 -13.49
N SER D 53 6.72 4.85 -14.55
CA SER D 53 5.97 3.59 -14.51
C SER D 53 6.77 2.46 -13.87
N LYS D 54 8.05 2.67 -13.55
CA LYS D 54 8.92 1.61 -13.05
C LYS D 54 9.03 1.71 -11.54
N SER D 55 9.08 0.55 -10.88
CA SER D 55 9.38 0.51 -9.45
C SER D 55 10.67 -0.27 -9.18
N THR D 56 11.49 -0.49 -10.20
CA THR D 56 12.71 -1.26 -10.01
C THR D 56 13.82 -0.72 -10.91
N ALA D 57 15.05 -0.98 -10.51
CA ALA D 57 16.22 -0.46 -11.21
C ALA D 57 17.41 -1.38 -10.95
N THR D 58 18.28 -1.49 -11.95
CA THR D 58 19.53 -2.21 -11.83
C THR D 58 20.67 -1.21 -11.62
N ILE D 59 21.57 -1.53 -10.69
CA ILE D 59 22.73 -0.69 -10.38
C ILE D 59 23.96 -1.57 -10.50
N SER D 60 24.78 -1.33 -11.52
N SER D 60 24.78 -1.33 -11.52
CA SER D 60 25.98 -2.12 -11.75
CA SER D 60 25.97 -2.11 -11.78
C SER D 60 27.23 -1.26 -11.62
C SER D 60 27.23 -1.28 -11.52
N GLY D 61 28.39 -1.93 -11.64
CA GLY D 61 29.66 -1.24 -11.45
C GLY D 61 30.02 -0.96 -10.01
N LEU D 62 29.41 -1.66 -9.06
CA LEU D 62 29.70 -1.45 -7.65
C LEU D 62 30.98 -2.16 -7.24
N LYS D 63 31.73 -1.55 -6.33
CA LYS D 63 32.88 -2.20 -5.73
C LYS D 63 32.39 -3.28 -4.77
N PRO D 64 32.82 -4.53 -4.92
CA PRO D 64 32.34 -5.57 -4.01
C PRO D 64 32.76 -5.31 -2.57
N GLY D 65 31.85 -5.57 -1.63
CA GLY D 65 32.11 -5.42 -0.22
C GLY D 65 32.03 -4.02 0.33
N VAL D 66 31.88 -3.01 -0.54
CA VAL D 66 31.90 -1.61 -0.15
C VAL D 66 30.48 -1.13 0.12
N ASP D 67 30.34 -0.27 1.11
CA ASP D 67 29.04 0.27 1.44
C ASP D 67 28.69 1.40 0.48
N TYR D 68 27.50 1.32 -0.11
CA TYR D 68 26.97 2.36 -0.97
C TYR D 68 25.71 2.92 -0.33
N THR D 69 25.53 4.23 -0.47
CA THR D 69 24.26 4.87 -0.11
C THR D 69 23.41 5.02 -1.37
N ILE D 70 22.23 4.42 -1.36
CA ILE D 70 21.31 4.45 -2.49
C ILE D 70 20.13 5.32 -2.10
N THR D 71 19.77 6.26 -2.98
CA THR D 71 18.67 7.18 -2.74
C THR D 71 17.80 7.26 -3.98
N VAL D 72 16.47 7.24 -3.78
CA VAL D 72 15.52 7.31 -4.89
C VAL D 72 14.60 8.51 -4.65
N TYR D 73 14.55 9.41 -5.62
CA TYR D 73 13.71 10.58 -5.58
C TYR D 73 12.61 10.43 -6.63
N ALA D 74 11.40 10.84 -6.28
CA ALA D 74 10.32 10.93 -7.27
C ALA D 74 10.24 12.36 -7.80
N VAL D 75 10.16 12.50 -9.12
CA VAL D 75 9.88 13.78 -9.75
C VAL D 75 8.48 13.69 -10.31
N THR D 76 7.56 14.51 -9.78
CA THR D 76 6.16 14.39 -10.15
C THR D 76 5.92 15.07 -11.49
N ILE D 77 4.75 14.77 -12.09
CA ILE D 77 4.41 15.43 -13.35
C ILE D 77 4.18 16.92 -13.14
N PHE D 78 3.90 17.34 -11.90
CA PHE D 78 3.65 18.74 -11.62
C PHE D 78 4.91 19.58 -11.63
N SER D 79 6.08 18.96 -11.74
CA SER D 79 7.36 19.63 -11.58
C SER D 79 8.14 19.61 -12.89
N ALA D 80 8.96 20.64 -13.08
CA ALA D 80 9.86 20.68 -14.23
C ALA D 80 11.16 19.90 -13.97
N TYR D 81 11.63 19.84 -12.72
CA TYR D 81 12.88 19.16 -12.37
C TYR D 81 12.95 18.77 -10.90
N ARG D 82 12.43 19.62 -10.01
CA ARG D 82 12.63 19.39 -8.57
C ARG D 82 11.90 18.12 -8.11
N SER D 83 12.47 17.48 -7.10
CA SER D 83 11.96 16.22 -6.57
C SER D 83 10.94 16.43 -5.45
N ALA D 84 10.07 15.45 -5.29
CA ALA D 84 9.18 15.42 -4.14
C ALA D 84 9.97 15.06 -2.87
N TRP D 85 9.41 15.38 -1.71
CA TRP D 85 10.13 15.17 -0.47
C TRP D 85 9.28 14.35 0.50
N PRO D 86 9.89 13.41 1.26
CA PRO D 86 11.29 13.00 1.27
C PRO D 86 11.61 11.90 0.26
N PRO D 87 12.88 11.77 -0.09
CA PRO D 87 13.32 10.58 -0.85
C PRO D 87 13.43 9.40 0.11
N ILE D 88 13.72 8.23 -0.46
CA ILE D 88 13.95 7.03 0.33
C ILE D 88 15.40 6.62 0.14
N SER D 89 16.03 6.15 1.21
CA SER D 89 17.46 5.89 1.20
C SER D 89 17.76 4.60 1.95
N ILE D 90 18.86 3.94 1.60
CA ILE D 90 19.34 2.78 2.34
C ILE D 90 20.84 2.70 2.12
N ASN D 91 21.54 2.05 3.05
CA ASN D 91 22.95 1.72 2.87
C ASN D 91 23.08 0.22 2.60
N TYR D 92 23.90 -0.13 1.61
CA TYR D 92 24.04 -1.53 1.21
C TYR D 92 25.46 -1.82 0.73
N ARG D 93 25.93 -3.05 1.01
CA ARG D 93 27.18 -3.58 0.47
C ARG D 93 26.92 -4.97 -0.11
N THR D 94 27.56 -5.28 -1.24
CA THR D 94 27.40 -6.62 -1.81
C THR D 94 28.17 -7.64 -0.96
N GLY D 95 27.92 -8.91 -1.23
CA GLY D 95 28.54 -9.99 -0.49
C GLY D 95 27.96 -10.25 0.88
N SER D 96 26.98 -9.45 1.32
CA SER D 96 26.38 -9.59 2.63
C SER D 96 25.06 -8.83 2.71
C1 GOL E . 7.15 17.61 4.62
O1 GOL E . 7.29 18.72 3.77
C2 GOL E . 6.05 16.66 4.13
O2 GOL E . 5.49 15.98 5.18
C3 GOL E . 6.70 15.70 3.07
O3 GOL E . 5.70 15.00 2.39
O1 PG4 F . 6.28 -3.61 3.05
C1 PG4 F . 5.86 -4.49 2.00
C2 PG4 F . 4.96 -3.80 1.03
O2 PG4 F . 4.50 -4.72 0.04
C3 PG4 F . 4.42 -4.15 -1.26
C4 PG4 F . 3.03 -4.28 -1.77
O3 PG4 F . 2.67 -3.11 -2.50
C5 PG4 F . 3.37 -3.13 -3.74
C6 PG4 F . 3.66 -1.72 -4.15
O4 PG4 F . 4.81 -1.68 -5.00
C7 PG4 F . 5.88 -2.33 -4.32
C8 PG4 F . 7.17 -2.08 -5.06
O5 PG4 F . 8.23 -2.80 -4.43
C1 PEG G . -0.36 4.80 -1.15
O1 PEG G . 0.68 3.84 -1.07
C2 PEG G . -1.46 4.50 -0.17
O2 PEG G . -1.75 3.11 -0.18
C3 PEG G . -2.27 2.66 -1.43
C4 PEG G . -3.17 1.48 -1.19
O4 PEG G . -2.41 0.34 -0.83
C1 GOL H . 7.09 10.73 -1.36
O1 GOL H . 8.25 11.46 -1.70
C2 GOL H . 6.13 11.71 -0.61
O2 GOL H . 6.19 13.00 -1.12
C3 GOL H . 4.72 11.09 -0.78
O3 GOL H . 3.79 12.05 -0.36
#